data_7M1V
#
_entry.id   7M1V
#
_cell.length_a   40.810
_cell.length_b   42.637
_cell.length_c   46.296
_cell.angle_alpha   98.880
_cell.angle_beta   92.110
_cell.angle_gamma   90.410
#
_symmetry.space_group_name_H-M   'P 1'
#
loop_
_entity.id
_entity.type
_entity.pdbx_description
1 polymer 'Core protein'
2 non-polymer 4-(2-{2,4-diamino-5-[2-(4-{[(2E)-1,3-thiazolidin-2-ylidene]sulfamoyl}phenyl)hydrazinyl]phenyl}hydrazinyl)-N-[(2S)-1,3-thiazolidin-2-yl]benzene-1-sulfonamide
3 non-polymer 1,2-ETHANEDIOL
4 non-polymer 'CHLORIDE ION'
5 non-polymer 'DIMETHYL SULFOXIDE'
6 water water
#
_entity_poly.entity_id   1
_entity_poly.type   'polypeptide(L)'
_entity_poly.pdbx_seq_one_letter_code
;GPLGSSVDMYIERAGDITWEKDAEVTGNSPRLDVALDESGDFSLVEDDGPPMAGGGGSGGGGSGALWDVPAPKEVKKGET
TDGVYRVMTRRTSGSTQVGVGVMQEGVFHTMWHVTKGSALRSGEGRLDPYWGDVKQDLVSYSGPWKLDACWDGHSEVQLL
AVPPGERARNIQTLPGIFKTKDGDIGAVALDYPAGTSGSPILDKSGRVIGLYGNGVVICNG
;
_entity_poly.pdbx_strand_id   A,B
#
# COMPACT_ATOMS: atom_id res chain seq x y z
N LEU A 3 23.46 -7.41 -13.70
CA LEU A 3 22.86 -6.12 -13.35
C LEU A 3 21.37 -6.17 -13.70
N GLY A 4 20.62 -5.19 -13.20
CA GLY A 4 19.18 -5.10 -13.42
C GLY A 4 18.64 -3.80 -12.89
N SER A 5 17.33 -3.80 -12.66
CA SER A 5 16.57 -2.70 -12.01
C SER A 5 17.13 -2.46 -10.61
N SER A 6 17.29 -1.19 -10.26
CA SER A 6 17.83 -0.74 -8.94
C SER A 6 17.07 0.51 -8.52
N VAL A 7 17.08 0.77 -7.22
CA VAL A 7 16.49 1.98 -6.58
C VAL A 7 17.61 2.54 -5.71
N ASP A 8 17.68 3.86 -5.62
CA ASP A 8 18.64 4.57 -4.75
C ASP A 8 17.85 5.03 -3.54
N MET A 9 17.94 4.29 -2.43
CA MET A 9 17.06 4.50 -1.26
C MET A 9 17.92 4.83 -0.05
N TYR A 10 17.39 5.68 0.83
CA TYR A 10 18.13 6.05 2.04
C TYR A 10 17.15 6.29 3.16
N ILE A 11 17.64 6.27 4.40
CA ILE A 11 16.76 6.48 5.57
C ILE A 11 17.23 7.70 6.36
N GLU A 12 16.28 8.35 7.00
CA GLU A 12 16.56 9.55 7.81
C GLU A 12 15.73 9.41 9.07
N ARG A 13 16.37 9.61 10.21
CA ARG A 13 15.68 9.45 11.50
C ARG A 13 14.66 10.55 11.67
N ALA A 14 13.45 10.22 12.12
CA ALA A 14 12.35 11.20 12.23
C ALA A 14 12.00 11.45 13.70
N GLY A 15 12.33 10.54 14.59
CA GLY A 15 12.00 10.75 16.00
C GLY A 15 12.17 9.49 16.83
N ASP A 16 11.99 9.68 18.14
CA ASP A 16 11.79 8.61 19.12
C ASP A 16 10.42 7.96 18.93
N ILE A 17 10.37 6.71 19.38
CA ILE A 17 9.10 5.94 19.43
C ILE A 17 8.63 5.90 20.88
N THR A 18 7.58 6.63 21.18
CA THR A 18 6.99 6.69 22.54
C THR A 18 5.47 6.78 22.43
N TRP A 19 4.79 6.20 23.39
CA TRP A 19 3.36 6.46 23.63
C TRP A 19 3.24 7.87 24.18
N GLU A 20 2.30 8.64 23.65
N GLU A 20 2.30 8.64 23.63
CA GLU A 20 2.08 10.04 24.09
CA GLU A 20 2.06 10.03 24.08
C GLU A 20 0.84 10.09 24.99
C GLU A 20 0.84 10.07 24.99
N LYS A 21 1.03 10.51 26.24
CA LYS A 21 0.02 10.39 27.32
C LYS A 21 -1.30 11.09 26.97
N ASP A 22 -1.28 12.21 26.26
CA ASP A 22 -2.58 12.88 25.94
C ASP A 22 -2.66 13.15 24.43
N ALA A 23 -2.43 12.12 23.61
CA ALA A 23 -2.64 12.16 22.15
C ALA A 23 -4.11 12.48 21.84
N GLU A 24 -4.36 13.06 20.67
CA GLU A 24 -5.72 13.20 20.11
C GLU A 24 -6.27 11.78 19.94
N VAL A 25 -7.52 11.57 20.39
CA VAL A 25 -8.29 10.28 20.31
C VAL A 25 -9.36 10.42 19.24
N THR A 26 -9.32 9.59 18.18
CA THR A 26 -10.26 9.66 17.03
C THR A 26 -11.44 8.73 17.29
N THR A 80 23.15 5.62 13.85
CA THR A 80 21.68 5.45 13.62
C THR A 80 21.05 4.72 14.82
N THR A 81 20.58 5.54 15.74
CA THR A 81 20.04 5.07 17.00
C THR A 81 18.66 4.46 16.72
N ASP A 82 18.16 3.72 17.68
CA ASP A 82 16.78 3.20 17.60
C ASP A 82 15.84 4.40 17.44
N GLY A 83 14.74 4.18 16.72
CA GLY A 83 13.75 5.23 16.49
C GLY A 83 12.95 4.95 15.21
N VAL A 84 12.18 5.97 14.82
CA VAL A 84 11.35 5.84 13.60
C VAL A 84 12.06 6.62 12.49
N TYR A 85 12.08 6.06 11.29
CA TYR A 85 12.82 6.63 10.16
C TYR A 85 11.92 6.81 8.94
N ARG A 86 12.18 7.86 8.16
CA ARG A 86 11.61 8.01 6.80
C ARG A 86 12.46 7.20 5.82
N VAL A 87 11.81 6.52 4.90
CA VAL A 87 12.48 5.81 3.79
C VAL A 87 12.31 6.66 2.54
N MET A 88 13.42 7.11 1.97
CA MET A 88 13.44 8.08 0.86
C MET A 88 13.97 7.38 -0.39
N THR A 89 13.49 7.79 -1.55
CA THR A 89 14.02 7.27 -2.84
C THR A 89 14.47 8.48 -3.64
N ARG A 90 15.62 8.37 -4.29
CA ARG A 90 16.13 9.45 -5.18
C ARG A 90 15.78 9.05 -6.61
N ARG A 91 15.01 9.90 -7.28
CA ARG A 91 14.62 9.74 -8.71
C ARG A 91 15.07 10.98 -9.49
N THR A 92 14.98 10.92 -10.83
CA THR A 92 15.42 12.05 -11.69
C THR A 92 14.61 13.29 -11.27
N SER A 93 13.33 13.11 -10.89
CA SER A 93 12.40 14.18 -10.45
C SER A 93 12.78 14.73 -9.07
N GLY A 94 13.55 13.98 -8.26
CA GLY A 94 13.92 14.41 -6.90
C GLY A 94 13.76 13.30 -5.87
N SER A 95 13.91 13.67 -4.60
CA SER A 95 13.86 12.73 -3.45
C SER A 95 12.47 12.80 -2.84
N THR A 96 11.86 11.62 -2.69
CA THR A 96 10.48 11.40 -2.25
C THR A 96 10.51 10.44 -1.06
N GLN A 97 9.66 10.69 -0.07
CA GLN A 97 9.43 9.66 0.96
C GLN A 97 8.49 8.59 0.42
N VAL A 98 8.93 7.33 0.41
CA VAL A 98 8.13 6.17 -0.06
C VAL A 98 7.62 5.32 1.10
N GLY A 99 8.17 5.51 2.30
CA GLY A 99 7.60 4.80 3.46
C GLY A 99 8.36 5.16 4.70
N VAL A 100 8.12 4.36 5.72
CA VAL A 100 8.60 4.59 7.10
C VAL A 100 9.05 3.23 7.62
N GLY A 101 9.97 3.24 8.58
CA GLY A 101 10.34 2.00 9.27
C GLY A 101 10.86 2.26 10.66
N VAL A 102 11.21 1.18 11.32
CA VAL A 102 11.56 1.17 12.76
C VAL A 102 12.94 0.54 12.91
N MET A 103 13.82 1.29 13.55
CA MET A 103 15.14 0.77 13.97
C MET A 103 14.99 0.32 15.44
N GLN A 104 15.18 -0.96 15.70
CA GLN A 104 15.08 -1.54 17.07
C GLN A 104 16.22 -2.58 17.17
N GLU A 105 17.01 -2.46 18.23
CA GLU A 105 18.09 -3.46 18.52
C GLU A 105 19.04 -3.52 17.30
N GLY A 106 19.31 -2.36 16.68
CA GLY A 106 20.23 -2.29 15.51
C GLY A 106 19.67 -2.89 14.21
N VAL A 107 18.41 -3.27 14.18
CA VAL A 107 17.75 -3.90 13.02
C VAL A 107 16.73 -2.90 12.47
N PHE A 108 16.78 -2.67 11.18
CA PHE A 108 15.80 -1.78 10.54
C PHE A 108 14.68 -2.63 9.97
N HIS A 109 13.45 -2.25 10.28
CA HIS A 109 12.20 -2.99 9.92
C HIS A 109 11.31 -2.11 9.05
N THR A 110 10.85 -2.64 7.94
CA THR A 110 9.85 -1.93 7.10
C THR A 110 9.06 -2.93 6.29
N MET A 111 8.13 -2.42 5.52
CA MET A 111 7.36 -3.27 4.61
C MET A 111 8.20 -3.54 3.34
N TRP A 112 8.14 -4.80 2.89
CA TRP A 112 8.94 -5.24 1.72
C TRP A 112 8.67 -4.32 0.52
N HIS A 113 7.41 -3.94 0.24
CA HIS A 113 7.10 -3.17 -0.97
C HIS A 113 7.70 -1.79 -0.95
N VAL A 114 8.02 -1.25 0.24
CA VAL A 114 8.61 0.11 0.33
C VAL A 114 10.00 0.11 -0.34
N THR A 115 10.79 -0.93 -0.04
CA THR A 115 12.18 -1.00 -0.50
C THR A 115 12.39 -2.00 -1.64
N LYS A 116 11.42 -2.87 -1.92
CA LYS A 116 11.59 -4.03 -2.86
C LYS A 116 12.82 -4.82 -2.47
N GLY A 117 13.09 -4.94 -1.16
CA GLY A 117 14.22 -5.69 -0.59
C GLY A 117 15.59 -5.09 -0.92
N SER A 118 15.64 -3.86 -1.41
CA SER A 118 16.87 -3.16 -1.87
C SER A 118 17.73 -2.84 -0.67
N ALA A 119 19.04 -2.77 -0.87
CA ALA A 119 19.94 -2.20 0.16
C ALA A 119 19.64 -0.71 0.32
N LEU A 120 19.90 -0.22 1.53
CA LEU A 120 19.56 1.16 1.95
C LEU A 120 20.84 1.88 2.33
N ARG A 121 20.92 3.18 2.09
CA ARG A 121 21.97 3.98 2.73
C ARG A 121 21.44 4.60 4.02
N SER A 122 22.29 4.65 5.03
CA SER A 122 21.97 5.31 6.31
C SER A 122 23.18 6.11 6.75
N GLY A 123 23.04 6.83 7.84
CA GLY A 123 24.17 7.49 8.55
C GLY A 123 25.33 6.58 8.81
N GLU A 124 25.08 5.27 9.02
CA GLU A 124 26.10 4.24 9.34
C GLU A 124 26.75 3.68 8.06
N GLY A 125 26.20 3.93 6.89
CA GLY A 125 26.65 3.35 5.61
C GLY A 125 25.60 2.40 5.07
N ARG A 126 25.99 1.30 4.42
CA ARG A 126 25.05 0.46 3.67
C ARG A 126 24.34 -0.49 4.63
N LEU A 127 23.01 -0.59 4.50
CA LEU A 127 22.26 -1.63 5.22
C LEU A 127 21.80 -2.68 4.20
N ASP A 128 22.13 -3.94 4.46
CA ASP A 128 21.77 -5.05 3.56
C ASP A 128 20.55 -5.72 4.14
N PRO A 129 19.60 -6.13 3.29
CA PRO A 129 18.46 -6.89 3.78
C PRO A 129 18.95 -8.22 4.32
N TYR A 130 18.42 -8.59 5.48
CA TYR A 130 18.76 -9.83 6.19
C TYR A 130 17.68 -10.88 6.00
N TRP A 131 16.42 -10.45 6.10
CA TRP A 131 15.28 -11.35 5.99
C TRP A 131 14.17 -10.60 5.27
N GLY A 132 13.42 -11.28 4.43
CA GLY A 132 12.40 -10.64 3.62
C GLY A 132 11.32 -11.65 3.32
N ASP A 133 10.06 -11.22 3.24
CA ASP A 133 8.93 -12.08 2.85
C ASP A 133 7.95 -11.19 2.09
N VAL A 134 7.83 -11.39 0.78
CA VAL A 134 6.90 -10.61 -0.08
C VAL A 134 5.45 -10.87 0.37
N LYS A 135 5.10 -12.08 0.79
CA LYS A 135 3.70 -12.44 1.17
C LYS A 135 3.30 -11.70 2.46
N GLN A 136 4.17 -11.69 3.46
CA GLN A 136 3.98 -10.98 4.76
C GLN A 136 4.17 -9.49 4.51
N ASP A 137 4.81 -9.15 3.39
CA ASP A 137 5.19 -7.77 3.03
C ASP A 137 6.08 -7.15 4.12
N LEU A 138 7.07 -7.88 4.62
CA LEU A 138 8.00 -7.40 5.67
C LEU A 138 9.43 -7.60 5.18
N VAL A 139 10.31 -6.77 5.72
CA VAL A 139 11.76 -6.92 5.48
C VAL A 139 12.51 -6.40 6.69
N SER A 140 13.62 -7.04 7.07
CA SER A 140 14.50 -6.57 8.14
C SER A 140 15.90 -6.44 7.56
N TYR A 141 16.62 -5.44 8.03
CA TYR A 141 18.00 -5.11 7.65
C TYR A 141 18.90 -5.33 8.85
N SER A 142 20.05 -5.99 8.59
CA SER A 142 21.18 -6.03 9.55
C SER A 142 21.02 -7.16 10.58
N GLY A 143 19.86 -7.80 10.64
CA GLY A 143 19.59 -8.85 11.62
C GLY A 143 18.17 -9.35 11.46
N PRO A 144 17.80 -10.38 12.23
CA PRO A 144 16.47 -10.94 12.19
C PRO A 144 15.43 -9.93 12.72
N TRP A 145 14.22 -10.16 12.26
CA TRP A 145 12.99 -9.44 12.72
C TRP A 145 12.96 -9.42 14.24
N LYS A 146 12.81 -8.24 14.84
CA LYS A 146 12.86 -8.01 16.31
C LYS A 146 11.50 -7.55 16.87
N LEU A 147 10.55 -7.19 16.01
CA LEU A 147 9.29 -6.53 16.48
C LEU A 147 8.28 -7.64 16.74
N ASP A 148 8.28 -8.13 17.96
CA ASP A 148 7.49 -9.34 18.30
C ASP A 148 6.25 -9.03 19.14
N ALA A 149 6.03 -7.80 19.53
CA ALA A 149 4.86 -7.46 20.37
C ALA A 149 3.57 -7.68 19.60
N CYS A 150 2.52 -8.06 20.31
CA CYS A 150 1.17 -8.21 19.72
C CYS A 150 0.16 -7.39 20.51
N TRP A 151 -0.88 -7.04 19.81
CA TRP A 151 -2.06 -6.32 20.35
C TRP A 151 -2.98 -7.30 21.07
N ASP A 152 -3.55 -6.84 22.16
CA ASP A 152 -4.55 -7.65 22.92
C ASP A 152 -5.89 -7.77 22.20
N GLY A 153 -6.13 -7.04 21.14
CA GLY A 153 -7.36 -7.10 20.37
C GLY A 153 -8.48 -6.31 21.01
N HIS A 154 -8.24 -5.47 22.01
N HIS A 154 -8.22 -5.50 22.04
CA HIS A 154 -9.33 -4.66 22.61
CA HIS A 154 -9.25 -4.75 22.81
C HIS A 154 -8.88 -3.26 23.07
C HIS A 154 -8.87 -3.29 23.00
N SER A 155 -7.62 -3.02 23.41
CA SER A 155 -7.16 -1.70 23.88
C SER A 155 -6.96 -0.74 22.70
N GLU A 156 -7.19 0.53 22.97
CA GLU A 156 -6.76 1.58 22.05
C GLU A 156 -5.25 1.49 21.83
N VAL A 157 -4.85 1.94 20.65
CA VAL A 157 -3.43 1.95 20.25
C VAL A 157 -3.06 3.35 19.85
N GLN A 158 -1.83 3.59 19.50
CA GLN A 158 -1.41 4.88 18.90
C GLN A 158 -0.66 4.61 17.61
N LEU A 159 -1.11 5.27 16.56
CA LEU A 159 -0.33 5.33 15.31
C LEU A 159 0.66 6.46 15.44
N LEU A 160 1.94 6.18 15.28
CA LEU A 160 2.97 7.22 15.23
C LEU A 160 3.14 7.49 13.74
N ALA A 161 2.30 8.38 13.20
CA ALA A 161 2.23 8.60 11.75
C ALA A 161 3.39 9.52 11.39
N VAL A 162 4.10 9.19 10.34
CA VAL A 162 5.24 9.99 9.82
C VAL A 162 5.00 10.24 8.34
N PRO A 163 4.09 11.15 7.97
CA PRO A 163 3.70 11.34 6.56
C PRO A 163 4.78 12.11 5.81
N PRO A 164 4.89 11.92 4.49
CA PRO A 164 5.86 12.71 3.71
C PRO A 164 5.72 14.22 3.91
N GLY A 165 6.82 14.87 4.19
CA GLY A 165 6.81 16.35 4.27
C GLY A 165 6.09 16.87 5.50
N GLU A 166 5.79 16.01 6.48
CA GLU A 166 5.01 16.43 7.66
C GLU A 166 5.67 15.88 8.91
N ARG A 167 5.38 16.53 10.04
CA ARG A 167 5.86 16.17 11.37
C ARG A 167 5.33 14.79 11.75
N ALA A 168 6.18 14.04 12.43
CA ALA A 168 5.74 12.83 13.15
C ALA A 168 4.74 13.24 14.21
N ARG A 169 3.66 12.47 14.34
CA ARG A 169 2.68 12.75 15.40
C ARG A 169 1.98 11.44 15.82
N ASN A 170 1.57 11.40 17.07
CA ASN A 170 0.81 10.25 17.61
C ASN A 170 -0.67 10.50 17.59
N ILE A 171 -1.42 9.51 17.13
CA ILE A 171 -2.89 9.55 17.04
C ILE A 171 -3.39 8.31 17.77
N GLN A 172 -4.24 8.49 18.78
CA GLN A 172 -4.83 7.35 19.48
C GLN A 172 -6.09 6.88 18.75
N THR A 173 -6.25 5.58 18.55
CA THR A 173 -7.32 5.06 17.68
C THR A 173 -7.63 3.65 18.14
N LEU A 174 -8.70 3.09 17.66
CA LEU A 174 -9.06 1.67 17.91
C LEU A 174 -9.04 0.98 16.56
N PRO A 175 -8.13 0.01 16.36
CA PRO A 175 -8.11 -0.76 15.13
C PRO A 175 -9.45 -1.46 14.93
N GLY A 176 -9.90 -1.56 13.69
CA GLY A 176 -10.89 -2.59 13.35
C GLY A 176 -10.28 -3.96 13.31
N ILE A 177 -11.09 -4.99 13.34
CA ILE A 177 -10.63 -6.39 13.29
C ILE A 177 -11.30 -7.03 12.07
N PHE A 178 -10.48 -7.68 11.24
CA PHE A 178 -10.90 -8.26 9.94
C PHE A 178 -10.43 -9.71 9.84
N LYS A 179 -11.19 -10.48 9.08
CA LYS A 179 -10.88 -11.91 8.86
C LYS A 179 -10.02 -11.99 7.60
N THR A 180 -8.88 -12.68 7.70
CA THR A 180 -7.95 -13.00 6.59
C THR A 180 -7.78 -14.52 6.61
N LYS A 181 -7.29 -15.12 5.51
CA LYS A 181 -7.12 -16.60 5.41
C LYS A 181 -6.16 -17.10 6.51
N ASP A 182 -5.24 -16.24 6.98
CA ASP A 182 -4.24 -16.54 8.06
C ASP A 182 -4.87 -16.47 9.46
N GLY A 183 -5.94 -15.69 9.63
CA GLY A 183 -6.66 -15.53 10.90
C GLY A 183 -7.24 -14.12 11.02
N ASP A 184 -7.46 -13.65 12.24
CA ASP A 184 -7.95 -12.26 12.47
C ASP A 184 -6.73 -11.34 12.55
N ILE A 185 -6.92 -10.14 12.04
CA ILE A 185 -5.86 -9.11 12.05
C ILE A 185 -6.54 -7.77 12.36
N GLY A 186 -5.82 -6.89 13.04
CA GLY A 186 -6.30 -5.53 13.20
C GLY A 186 -5.86 -4.65 12.04
N ALA A 187 -6.52 -3.54 11.85
CA ALA A 187 -6.14 -2.57 10.78
C ALA A 187 -6.57 -1.18 11.21
N VAL A 188 -5.68 -0.23 11.01
CA VAL A 188 -5.95 1.18 11.36
C VAL A 188 -6.82 1.83 10.28
N ALA A 189 -7.92 2.41 10.72
CA ALA A 189 -8.94 3.12 9.93
C ALA A 189 -8.67 4.62 10.04
N LEU A 190 -7.49 5.01 9.67
CA LEU A 190 -7.12 6.42 9.46
C LEU A 190 -6.51 6.48 8.07
N ASP A 191 -6.77 7.54 7.35
CA ASP A 191 -6.23 7.74 5.99
C ASP A 191 -5.04 8.71 6.02
N TYR A 192 -3.93 8.24 5.48
CA TYR A 192 -2.68 9.01 5.28
C TYR A 192 -2.16 8.62 3.90
N PRO A 193 -1.34 9.50 3.29
CA PRO A 193 -0.71 9.22 2.00
C PRO A 193 0.17 7.98 1.98
N ALA A 194 0.37 7.40 0.81
CA ALA A 194 1.05 6.10 0.63
C ALA A 194 2.42 6.07 1.34
N GLY A 195 3.14 7.17 1.31
CA GLY A 195 4.50 7.21 1.86
C GLY A 195 4.50 7.17 3.37
N THR A 196 3.35 7.09 4.02
CA THR A 196 3.22 6.96 5.49
C THR A 196 3.27 5.46 5.84
N SER A 197 3.16 4.56 4.84
CA SER A 197 3.17 3.10 5.03
C SER A 197 4.43 2.71 5.79
N GLY A 198 4.29 1.87 6.83
CA GLY A 198 5.41 1.48 7.67
C GLY A 198 5.42 2.22 8.98
N SER A 199 4.61 3.24 9.12
CA SER A 199 4.61 4.01 10.40
C SER A 199 4.22 3.07 11.52
N PRO A 200 4.91 3.11 12.67
CA PRO A 200 4.63 2.14 13.73
C PRO A 200 3.34 2.41 14.49
N ILE A 201 2.65 1.31 14.80
CA ILE A 201 1.48 1.28 15.69
C ILE A 201 1.94 0.74 17.05
N LEU A 202 1.56 1.44 18.12
CA LEU A 202 2.13 1.24 19.47
C LEU A 202 1.05 0.85 20.46
N ASP A 203 1.45 -0.02 21.37
CA ASP A 203 0.65 -0.28 22.59
C ASP A 203 1.03 0.75 23.68
N LYS A 204 0.33 0.67 24.82
CA LYS A 204 0.48 1.66 25.91
C LYS A 204 1.91 1.65 26.48
N SER A 205 2.69 0.57 26.35
N SER A 205 2.69 0.58 26.34
CA SER A 205 4.11 0.54 26.79
CA SER A 205 4.11 0.51 26.79
C SER A 205 5.09 1.00 25.70
C SER A 205 5.09 1.00 25.70
N GLY A 206 4.59 1.45 24.55
CA GLY A 206 5.41 1.97 23.47
C GLY A 206 5.98 0.87 22.61
N ARG A 207 5.54 -0.36 22.78
CA ARG A 207 6.01 -1.47 21.92
C ARG A 207 5.31 -1.40 20.55
N VAL A 208 6.04 -1.78 19.52
CA VAL A 208 5.49 -1.77 18.13
C VAL A 208 4.70 -3.04 17.87
N ILE A 209 3.41 -2.87 17.73
CA ILE A 209 2.45 -3.98 17.53
C ILE A 209 1.98 -4.09 16.11
N GLY A 210 2.38 -3.16 15.25
CA GLY A 210 2.06 -3.24 13.80
C GLY A 210 2.75 -2.12 13.07
N LEU A 211 2.76 -2.24 11.75
CA LEU A 211 3.21 -1.17 10.85
C LEU A 211 2.04 -0.73 9.99
N TYR A 212 1.85 0.56 9.80
CA TYR A 212 0.67 1.12 9.11
C TYR A 212 0.62 0.60 7.68
N GLY A 213 -0.52 0.02 7.31
CA GLY A 213 -0.72 -0.64 5.99
C GLY A 213 -0.46 -2.11 6.05
N ASN A 214 0.14 -2.63 7.13
CA ASN A 214 0.49 -4.07 7.26
C ASN A 214 -0.41 -4.80 8.26
N GLY A 215 -1.23 -4.04 8.98
CA GLY A 215 -2.13 -4.60 10.00
C GLY A 215 -1.47 -4.60 11.37
N VAL A 216 -2.29 -4.93 12.34
CA VAL A 216 -1.94 -5.01 13.78
C VAL A 216 -2.05 -6.47 14.14
N VAL A 217 -0.96 -6.98 14.69
CA VAL A 217 -0.82 -8.41 15.02
C VAL A 217 -1.64 -8.69 16.28
N ILE A 218 -2.57 -9.65 16.27
CA ILE A 218 -3.43 -10.00 17.45
C ILE A 218 -2.82 -11.21 18.17
N CYS A 219 -2.69 -11.16 19.49
CA CYS A 219 -1.90 -12.11 20.30
C CYS A 219 -2.38 -13.56 20.12
N ASN A 220 -3.66 -13.77 19.97
CA ASN A 220 -4.18 -15.16 19.84
C ASN A 220 -4.84 -15.30 18.47
N GLY A 221 -4.41 -16.24 17.63
CA GLY A 221 -4.83 -16.34 16.22
C GLY A 221 -4.99 -14.97 15.56
N SER B 5 -20.54 11.56 11.53
CA SER B 5 -20.79 10.95 10.18
C SER B 5 -19.66 9.99 9.83
N SER B 6 -20.00 8.81 9.32
CA SER B 6 -19.01 7.92 8.64
C SER B 6 -18.71 8.50 7.25
N VAL B 7 -17.58 8.09 6.68
CA VAL B 7 -17.12 8.59 5.37
C VAL B 7 -18.10 8.06 4.32
N ASP B 8 -18.47 8.92 3.38
CA ASP B 8 -19.45 8.60 2.33
C ASP B 8 -18.63 8.33 1.06
N MET B 9 -18.37 7.07 0.75
CA MET B 9 -17.47 6.67 -0.36
C MET B 9 -18.31 6.14 -1.52
N TYR B 10 -17.98 6.46 -2.77
CA TYR B 10 -18.77 6.03 -3.92
C TYR B 10 -17.87 5.83 -5.12
N ILE B 11 -18.37 5.16 -6.14
CA ILE B 11 -17.58 4.94 -7.37
C ILE B 11 -18.31 5.54 -8.58
N GLU B 12 -17.52 5.97 -9.53
CA GLU B 12 -17.98 6.57 -10.79
C GLU B 12 -17.18 5.99 -11.93
N ARG B 13 -17.86 5.50 -12.95
CA ARG B 13 -17.21 4.83 -14.08
C ARG B 13 -16.44 5.88 -14.89
N ALA B 14 -15.15 5.62 -15.18
CA ALA B 14 -14.32 6.60 -15.90
C ALA B 14 -14.10 6.17 -17.34
N GLY B 15 -14.17 4.89 -17.65
CA GLY B 15 -13.97 4.48 -19.04
C GLY B 15 -13.79 2.99 -19.18
N ASP B 16 -13.61 2.61 -20.44
CA ASP B 16 -13.28 1.23 -20.82
C ASP B 16 -11.83 0.94 -20.48
N ILE B 17 -11.56 -0.34 -20.32
CA ILE B 17 -10.19 -0.86 -20.12
C ILE B 17 -9.71 -1.50 -21.42
N THR B 18 -8.79 -0.82 -22.10
CA THR B 18 -8.29 -1.28 -23.42
C THR B 18 -6.82 -0.98 -23.54
N TRP B 19 -6.09 -1.87 -24.17
CA TRP B 19 -4.71 -1.59 -24.63
C TRP B 19 -4.77 -0.56 -25.76
N GLU B 20 -3.91 0.44 -25.71
CA GLU B 20 -3.88 1.51 -26.76
C GLU B 20 -2.70 1.24 -27.68
N LYS B 21 -2.99 1.08 -28.98
CA LYS B 21 -2.01 0.67 -30.02
C LYS B 21 -0.82 1.64 -30.09
N ASP B 22 -1.02 2.94 -29.92
CA ASP B 22 0.12 3.89 -30.03
C ASP B 22 0.13 4.83 -28.81
N ALA B 23 0.05 4.25 -27.60
CA ALA B 23 0.15 4.96 -26.31
C ALA B 23 1.48 5.73 -26.19
N GLU B 24 1.50 6.68 -25.25
CA GLU B 24 2.73 7.40 -24.86
C GLU B 24 3.65 6.37 -24.18
N VAL B 25 4.94 6.46 -24.43
CA VAL B 25 5.96 5.54 -23.84
C VAL B 25 6.83 6.32 -22.84
N THR B 26 6.97 5.84 -21.60
CA THR B 26 8.04 6.28 -20.67
C THR B 26 9.33 5.47 -20.93
N THR B 80 -21.90 -0.74 -12.01
CA THR B 80 -22.59 -1.14 -13.26
C THR B 80 -21.64 -1.99 -14.14
N THR B 81 -21.28 -1.47 -15.31
CA THR B 81 -20.68 -2.31 -16.35
C THR B 81 -19.20 -2.46 -16.02
N ASP B 82 -18.58 -3.46 -16.60
CA ASP B 82 -17.12 -3.62 -16.60
C ASP B 82 -16.47 -2.28 -16.97
N GLY B 83 -15.35 -1.94 -16.33
CA GLY B 83 -14.56 -0.80 -16.74
C GLY B 83 -13.68 -0.32 -15.58
N VAL B 84 -13.13 0.87 -15.73
CA VAL B 84 -12.25 1.46 -14.71
C VAL B 84 -13.04 2.58 -14.05
N TYR B 85 -12.96 2.67 -12.75
CA TYR B 85 -13.78 3.57 -11.93
C TYR B 85 -12.93 4.42 -11.02
N ARG B 86 -13.36 5.65 -10.79
CA ARG B 86 -12.78 6.47 -9.73
C ARG B 86 -13.47 6.12 -8.40
N VAL B 87 -12.70 6.04 -7.34
CA VAL B 87 -13.24 5.86 -5.96
C VAL B 87 -13.20 7.23 -5.30
N MET B 88 -14.38 7.73 -4.90
CA MET B 88 -14.52 9.13 -4.44
C MET B 88 -15.03 9.13 -3.01
N THR B 89 -14.74 10.22 -2.29
N THR B 89 -14.77 10.22 -2.30
CA THR B 89 -15.32 10.49 -0.95
CA THR B 89 -15.38 10.45 -0.97
C THR B 89 -16.08 11.80 -1.05
C THR B 89 -16.03 11.81 -0.95
N ARG B 90 -17.27 11.85 -0.44
CA ARG B 90 -18.13 13.07 -0.43
C ARG B 90 -17.96 13.70 0.93
N ARG B 91 -17.63 14.99 0.95
CA ARG B 91 -17.73 15.88 2.15
C ARG B 91 -18.72 17.02 1.84
N THR B 92 -19.14 17.76 2.86
CA THR B 92 -20.09 18.89 2.68
C THR B 92 -19.47 19.86 1.65
N SER B 93 -18.15 20.05 1.71
CA SER B 93 -17.37 20.95 0.82
C SER B 93 -17.28 20.40 -0.61
N GLY B 94 -17.51 19.11 -0.82
CA GLY B 94 -17.46 18.47 -2.15
C GLY B 94 -16.67 17.17 -2.15
N SER B 95 -16.26 16.72 -3.32
CA SER B 95 -15.77 15.34 -3.56
C SER B 95 -14.25 15.32 -3.71
N THR B 96 -13.62 14.26 -3.22
CA THR B 96 -12.16 13.96 -3.38
C THR B 96 -12.04 12.57 -4.04
N GLN B 97 -11.16 12.42 -5.03
CA GLN B 97 -10.81 11.06 -5.49
C GLN B 97 -9.74 10.50 -4.57
N VAL B 98 -10.01 9.31 -3.98
CA VAL B 98 -9.08 8.61 -3.06
C VAL B 98 -8.42 7.41 -3.75
N GLY B 99 -8.94 6.96 -4.89
CA GLY B 99 -8.30 5.84 -5.58
C GLY B 99 -9.05 5.49 -6.84
N VAL B 100 -8.68 4.33 -7.39
CA VAL B 100 -9.23 3.83 -8.67
C VAL B 100 -9.50 2.35 -8.47
N GLY B 101 -10.41 1.77 -9.28
CA GLY B 101 -10.55 0.33 -9.22
C GLY B 101 -11.16 -0.17 -10.50
N VAL B 102 -11.35 -1.49 -10.56
CA VAL B 102 -11.72 -2.21 -11.79
C VAL B 102 -12.97 -3.01 -11.46
N MET B 103 -14.00 -2.79 -12.26
CA MET B 103 -15.21 -3.65 -12.28
C MET B 103 -15.00 -4.73 -13.36
N GLN B 104 -15.06 -5.98 -12.94
CA GLN B 104 -14.93 -7.14 -13.87
C GLN B 104 -15.86 -8.23 -13.35
N GLU B 105 -16.74 -8.73 -14.24
CA GLU B 105 -17.65 -9.87 -13.92
C GLU B 105 -18.50 -9.45 -12.72
N GLY B 106 -18.91 -8.18 -12.62
CA GLY B 106 -19.82 -7.71 -11.57
C GLY B 106 -19.13 -7.55 -10.22
N VAL B 107 -17.81 -7.69 -10.17
CA VAL B 107 -17.03 -7.59 -8.91
C VAL B 107 -16.16 -6.33 -9.03
N PHE B 108 -16.19 -5.52 -8.00
CA PHE B 108 -15.38 -4.27 -7.99
C PHE B 108 -14.10 -4.57 -7.20
N HIS B 109 -12.97 -4.23 -7.83
CA HIS B 109 -11.64 -4.56 -7.31
C HIS B 109 -10.86 -3.27 -7.05
N THR B 110 -10.31 -3.14 -5.85
CA THR B 110 -9.46 -1.97 -5.58
C THR B 110 -8.43 -2.33 -4.52
N MET B 111 -7.75 -1.31 -4.04
CA MET B 111 -6.73 -1.51 -2.98
C MET B 111 -7.41 -1.44 -1.62
N TRP B 112 -6.91 -2.21 -0.68
N TRP B 112 -6.91 -2.22 -0.69
CA TRP B 112 -7.50 -2.21 0.68
CA TRP B 112 -7.49 -2.22 0.67
C TRP B 112 -7.33 -0.84 1.32
C TRP B 112 -7.34 -0.83 1.31
N HIS B 113 -6.18 -0.20 1.11
CA HIS B 113 -5.96 1.13 1.74
C HIS B 113 -6.90 2.20 1.21
N VAL B 114 -7.41 2.03 -0.01
CA VAL B 114 -8.30 3.05 -0.62
C VAL B 114 -9.62 3.07 0.17
N THR B 115 -10.18 1.91 0.54
CA THR B 115 -11.53 1.90 1.14
C THR B 115 -11.52 1.48 2.60
N LYS B 116 -10.49 0.73 3.03
CA LYS B 116 -10.43 0.10 4.39
C LYS B 116 -11.70 -0.65 4.72
N GLY B 117 -12.27 -1.32 3.71
CA GLY B 117 -13.45 -2.18 3.88
C GLY B 117 -14.76 -1.43 3.97
N SER B 118 -14.78 -0.12 3.71
CA SER B 118 -16.01 0.70 3.66
C SER B 118 -16.96 0.17 2.60
N ALA B 119 -18.26 0.21 2.83
CA ALA B 119 -19.23 -0.01 1.74
C ALA B 119 -19.07 1.12 0.72
N LEU B 120 -19.46 0.86 -0.51
CA LEU B 120 -19.36 1.85 -1.62
C LEU B 120 -20.75 2.12 -2.19
N ARG B 121 -21.12 3.37 -2.40
CA ARG B 121 -22.31 3.68 -3.23
C ARG B 121 -21.94 3.55 -4.72
N SER B 122 -22.87 3.12 -5.56
CA SER B 122 -22.64 3.02 -7.02
C SER B 122 -23.95 3.24 -7.78
N GLY B 123 -23.82 3.29 -9.10
CA GLY B 123 -24.96 3.27 -10.04
C GLY B 123 -25.86 2.06 -9.82
N GLU B 124 -25.34 0.94 -9.31
CA GLU B 124 -26.09 -0.33 -9.05
C GLU B 124 -26.52 -0.42 -7.57
N GLY B 125 -26.50 0.68 -6.81
CA GLY B 125 -26.80 0.64 -5.36
C GLY B 125 -25.57 0.33 -4.53
N ARG B 126 -25.76 0.04 -3.24
CA ARG B 126 -24.67 -0.19 -2.27
C ARG B 126 -23.88 -1.46 -2.61
N LEU B 127 -22.54 -1.36 -2.58
CA LEU B 127 -21.67 -2.53 -2.73
C LEU B 127 -21.02 -2.84 -1.37
N ASP B 128 -21.13 -4.09 -0.93
CA ASP B 128 -20.51 -4.51 0.33
C ASP B 128 -19.22 -5.25 -0.02
N PRO B 129 -18.21 -5.08 0.85
CA PRO B 129 -16.96 -5.79 0.67
C PRO B 129 -17.21 -7.29 0.80
N TYR B 130 -16.47 -8.07 0.02
CA TYR B 130 -16.62 -9.54 0.00
C TYR B 130 -15.36 -10.18 0.53
N TRP B 131 -14.19 -9.70 0.09
CA TRP B 131 -12.92 -10.35 0.44
C TRP B 131 -11.86 -9.28 0.53
N GLY B 132 -10.90 -9.40 1.43
CA GLY B 132 -9.79 -8.44 1.38
C GLY B 132 -8.56 -9.00 2.04
N ASP B 133 -7.45 -8.37 1.77
CA ASP B 133 -6.14 -8.72 2.39
C ASP B 133 -5.34 -7.44 2.59
N VAL B 134 -5.14 -7.06 3.87
CA VAL B 134 -4.43 -5.80 4.16
C VAL B 134 -2.98 -5.89 3.67
N LYS B 135 -2.35 -7.06 3.82
CA LYS B 135 -0.90 -7.19 3.47
C LYS B 135 -0.67 -7.11 1.96
N GLN B 136 -1.53 -7.76 1.15
CA GLN B 136 -1.48 -7.69 -0.31
C GLN B 136 -2.04 -6.36 -0.77
N ASP B 137 -2.78 -5.69 0.12
CA ASP B 137 -3.42 -4.40 -0.14
C ASP B 137 -4.46 -4.52 -1.26
N LEU B 138 -5.38 -5.51 -1.11
CA LEU B 138 -6.44 -5.77 -2.12
C LEU B 138 -7.79 -5.91 -1.42
N VAL B 139 -8.84 -5.56 -2.14
CA VAL B 139 -10.21 -5.78 -1.67
C VAL B 139 -11.14 -5.98 -2.86
N SER B 140 -12.09 -6.90 -2.74
CA SER B 140 -13.14 -7.09 -3.75
C SER B 140 -14.51 -6.85 -3.11
N TYR B 141 -15.42 -6.33 -3.93
CA TYR B 141 -16.82 -6.05 -3.57
C TYR B 141 -17.73 -6.94 -4.42
N SER B 142 -18.73 -7.53 -3.76
CA SER B 142 -19.90 -8.20 -4.41
C SER B 142 -19.58 -9.65 -4.79
N GLY B 143 -18.35 -10.10 -4.65
CA GLY B 143 -17.95 -11.43 -5.07
C GLY B 143 -16.46 -11.61 -4.91
N PRO B 144 -15.98 -12.82 -5.17
CA PRO B 144 -14.58 -13.14 -5.03
C PRO B 144 -13.74 -12.39 -6.07
N TRP B 145 -12.48 -12.21 -5.73
CA TRP B 145 -11.44 -11.66 -6.63
C TRP B 145 -11.47 -12.35 -7.99
N LYS B 146 -11.58 -11.58 -9.07
CA LYS B 146 -11.69 -12.10 -10.47
C LYS B 146 -10.47 -11.77 -11.33
N LEU B 147 -9.54 -10.91 -10.87
CA LEU B 147 -8.41 -10.44 -11.70
C LEU B 147 -7.27 -11.42 -11.53
N ASP B 148 -7.26 -12.45 -12.40
CA ASP B 148 -6.33 -13.58 -12.22
C ASP B 148 -5.21 -13.57 -13.24
N ALA B 149 -5.17 -12.63 -14.19
CA ALA B 149 -4.05 -12.54 -15.15
C ALA B 149 -2.75 -12.24 -14.47
N CYS B 150 -1.67 -12.78 -15.04
N CYS B 150 -1.64 -12.87 -14.92
CA CYS B 150 -0.31 -12.64 -14.52
CA CYS B 150 -0.28 -12.54 -14.42
C CYS B 150 0.56 -12.09 -15.66
C CYS B 150 0.65 -12.20 -15.60
N TRP B 151 1.53 -11.26 -15.32
CA TRP B 151 2.55 -10.75 -16.24
C TRP B 151 3.57 -11.86 -16.51
N ASP B 152 3.99 -11.95 -17.75
CA ASP B 152 5.00 -12.92 -18.21
C ASP B 152 6.39 -12.53 -17.74
N GLY B 153 6.59 -11.31 -17.28
CA GLY B 153 7.90 -10.86 -16.78
C GLY B 153 8.81 -10.37 -17.87
N HIS B 154 8.35 -10.21 -19.10
CA HIS B 154 9.25 -9.69 -20.17
C HIS B 154 8.55 -8.75 -21.16
N SER B 155 7.24 -8.86 -21.38
CA SER B 155 6.46 -7.95 -22.26
C SER B 155 6.26 -6.57 -21.62
N GLU B 156 6.32 -5.51 -22.41
CA GLU B 156 5.89 -4.19 -21.94
C GLU B 156 4.41 -4.27 -21.57
N VAL B 157 4.03 -3.38 -20.69
CA VAL B 157 2.67 -3.30 -20.14
C VAL B 157 2.21 -1.87 -20.41
N GLN B 158 0.95 -1.62 -20.10
CA GLN B 158 0.41 -0.24 -20.11
C GLN B 158 -0.25 0.01 -18.76
N LEU B 159 0.08 1.15 -18.20
CA LEU B 159 -0.66 1.65 -17.05
C LEU B 159 -1.83 2.49 -17.56
N LEU B 160 -3.04 2.16 -17.14
CA LEU B 160 -4.21 2.97 -17.49
C LEU B 160 -4.38 3.89 -16.30
N ALA B 161 -3.67 5.01 -16.30
CA ALA B 161 -3.61 5.91 -15.14
C ALA B 161 -4.87 6.75 -15.13
N VAL B 162 -5.54 6.84 -14.00
CA VAL B 162 -6.78 7.66 -13.84
C VAL B 162 -6.59 8.59 -12.65
N PRO B 163 -5.75 9.65 -12.75
CA PRO B 163 -5.44 10.49 -11.60
C PRO B 163 -6.57 11.43 -11.24
N PRO B 164 -6.64 11.88 -9.98
CA PRO B 164 -7.71 12.81 -9.60
C PRO B 164 -7.83 14.06 -10.46
N GLY B 165 -9.03 14.36 -10.94
CA GLY B 165 -9.25 15.59 -11.72
C GLY B 165 -8.51 15.58 -13.05
N GLU B 166 -8.07 14.40 -13.51
CA GLU B 166 -7.33 14.31 -14.81
C GLU B 166 -7.95 13.20 -15.65
N ARG B 167 -7.71 13.29 -16.96
CA ARG B 167 -8.12 12.33 -17.99
C ARG B 167 -7.49 10.97 -17.73
N ALA B 168 -8.29 9.93 -17.94
CA ALA B 168 -7.77 8.56 -18.02
C ALA B 168 -6.84 8.50 -19.22
N ARG B 169 -5.69 7.90 -19.09
CA ARG B 169 -4.80 7.71 -20.25
C ARG B 169 -3.96 6.45 -20.09
N ASN B 170 -3.51 5.93 -21.22
CA ASN B 170 -2.61 4.77 -21.26
C ASN B 170 -1.17 5.22 -21.44
N ILE B 171 -0.29 4.63 -20.66
CA ILE B 171 1.16 4.89 -20.76
C ILE B 171 1.84 3.52 -20.85
N GLN B 172 2.61 3.32 -21.90
CA GLN B 172 3.37 2.04 -22.03
C GLN B 172 4.69 2.15 -21.24
N THR B 173 5.02 1.10 -20.50
CA THR B 173 6.15 1.18 -19.56
C THR B 173 6.71 -0.22 -19.43
N LEU B 174 8.01 -0.28 -19.15
CA LEU B 174 8.67 -1.54 -18.81
C LEU B 174 8.76 -1.56 -17.30
N PRO B 175 8.08 -2.52 -16.64
CA PRO B 175 8.25 -2.63 -15.21
C PRO B 175 9.72 -2.92 -14.86
N GLY B 176 10.15 -2.37 -13.74
CA GLY B 176 11.38 -2.83 -13.10
C GLY B 176 11.19 -4.25 -12.62
N ILE B 177 12.24 -5.04 -12.55
CA ILE B 177 12.15 -6.37 -11.92
C ILE B 177 13.10 -6.43 -10.70
N PHE B 178 12.58 -6.91 -9.58
CA PHE B 178 13.31 -7.08 -8.30
C PHE B 178 13.29 -8.55 -7.90
N LYS B 179 14.42 -9.04 -7.43
CA LYS B 179 14.57 -10.44 -6.98
C LYS B 179 13.85 -10.66 -5.65
N THR B 180 13.15 -11.77 -5.54
CA THR B 180 12.51 -12.23 -4.28
C THR B 180 13.04 -13.64 -3.96
N LYS B 181 12.77 -14.15 -2.78
CA LYS B 181 13.35 -15.48 -2.50
C LYS B 181 12.74 -16.56 -3.41
N ASP B 182 11.46 -16.44 -3.74
CA ASP B 182 10.82 -17.48 -4.59
C ASP B 182 10.95 -17.12 -6.08
N GLY B 183 11.40 -15.92 -6.39
CA GLY B 183 11.53 -15.54 -7.80
C GLY B 183 11.79 -14.07 -7.98
N ASP B 184 10.91 -13.41 -8.73
CA ASP B 184 11.09 -11.98 -9.05
C ASP B 184 9.70 -11.32 -9.05
N ILE B 185 9.66 -10.01 -8.83
CA ILE B 185 8.40 -9.25 -8.91
C ILE B 185 8.62 -7.94 -9.66
N GLY B 186 7.59 -7.49 -10.37
CA GLY B 186 7.62 -6.26 -11.15
C GLY B 186 7.24 -5.05 -10.33
N ALA B 187 7.66 -3.88 -10.78
CA ALA B 187 7.33 -2.59 -10.15
C ALA B 187 7.08 -1.57 -11.25
N VAL B 188 5.93 -0.91 -11.19
CA VAL B 188 5.60 0.28 -11.98
C VAL B 188 5.51 1.38 -10.93
N ALA B 189 6.58 2.14 -10.82
CA ALA B 189 6.69 3.30 -9.89
C ALA B 189 6.90 4.52 -10.77
N LEU B 190 5.83 5.28 -10.98
CA LEU B 190 5.93 6.47 -11.85
C LEU B 190 5.51 7.66 -11.01
N ASP B 191 5.44 8.83 -11.59
CA ASP B 191 5.23 10.06 -10.81
C ASP B 191 3.76 10.40 -11.00
N TYR B 192 2.86 9.73 -10.28
CA TYR B 192 1.41 10.07 -10.39
C TYR B 192 0.92 10.62 -9.08
N PRO B 193 -0.06 11.54 -9.15
CA PRO B 193 -0.62 12.11 -7.93
C PRO B 193 -1.23 11.05 -7.00
N ALA B 194 -1.26 11.41 -5.73
CA ALA B 194 -2.08 10.74 -4.72
C ALA B 194 -3.46 10.53 -5.37
N GLY B 195 -4.04 9.37 -5.17
CA GLY B 195 -5.43 9.05 -5.56
C GLY B 195 -5.44 8.24 -6.88
N THR B 196 -4.27 8.05 -7.48
CA THR B 196 -4.10 7.24 -8.73
C THR B 196 -4.00 5.74 -8.37
N SER B 197 -3.74 5.43 -7.10
N SER B 197 -3.69 5.42 -7.13
N SER B 197 -3.66 5.41 -7.12
CA SER B 197 -3.59 4.04 -6.61
CA SER B 197 -3.56 4.02 -6.65
CA SER B 197 -3.56 4.02 -6.63
C SER B 197 -4.82 3.23 -7.01
C SER B 197 -4.80 3.23 -7.02
C SER B 197 -4.80 3.23 -7.02
N GLY B 198 -4.59 2.03 -7.56
CA GLY B 198 -5.68 1.18 -8.04
C GLY B 198 -5.84 1.24 -9.54
N SER B 199 -5.13 2.15 -10.20
CA SER B 199 -5.22 2.23 -11.68
C SER B 199 -4.74 0.91 -12.27
N PRO B 200 -5.46 0.31 -13.25
CA PRO B 200 -5.08 -0.99 -13.77
C PRO B 200 -3.82 -0.94 -14.62
N ILE B 201 -3.03 -1.99 -14.47
CA ILE B 201 -1.84 -2.27 -15.33
C ILE B 201 -2.25 -3.42 -16.25
N LEU B 202 -2.04 -3.24 -17.56
CA LEU B 202 -2.60 -4.13 -18.60
C LEU B 202 -1.48 -4.84 -19.35
N ASP B 203 -1.74 -6.07 -19.77
CA ASP B 203 -0.97 -6.74 -20.84
C ASP B 203 -1.55 -6.40 -22.22
N LYS B 204 -0.90 -6.90 -23.28
N LYS B 204 -0.92 -6.94 -23.27
CA LYS B 204 -1.24 -6.56 -24.69
CA LYS B 204 -1.23 -6.60 -24.69
C LYS B 204 -2.66 -7.00 -25.05
C LYS B 204 -2.66 -7.01 -25.04
N SER B 205 -3.26 -8.00 -24.35
CA SER B 205 -4.68 -8.40 -24.60
C SER B 205 -5.69 -7.60 -23.74
N GLY B 206 -5.23 -6.62 -22.96
CA GLY B 206 -6.12 -5.77 -22.17
C GLY B 206 -6.47 -6.41 -20.84
N ARG B 207 -5.86 -7.53 -20.50
CA ARG B 207 -6.08 -8.14 -19.16
C ARG B 207 -5.35 -7.33 -18.07
N VAL B 208 -5.98 -7.27 -16.91
CA VAL B 208 -5.43 -6.53 -15.75
C VAL B 208 -4.42 -7.43 -15.03
N ILE B 209 -3.17 -7.07 -15.12
CA ILE B 209 -2.07 -7.87 -14.51
C ILE B 209 -1.57 -7.25 -13.22
N GLY B 210 -2.13 -6.11 -12.81
CA GLY B 210 -1.78 -5.49 -11.54
C GLY B 210 -2.55 -4.21 -11.35
N LEU B 211 -2.45 -3.68 -10.15
CA LEU B 211 -3.07 -2.36 -9.82
C LEU B 211 -1.95 -1.43 -9.36
N TYR B 212 -2.01 -0.17 -9.79
CA TYR B 212 -0.94 0.80 -9.55
C TYR B 212 -0.74 1.00 -8.06
N GLY B 213 0.50 0.87 -7.61
CA GLY B 213 0.86 0.95 -6.18
C GLY B 213 1.20 -0.42 -5.66
N ASN B 214 0.77 -1.50 -6.30
CA ASN B 214 1.14 -2.85 -5.87
C ASN B 214 2.26 -3.38 -6.77
N GLY B 215 3.05 -4.30 -6.22
CA GLY B 215 3.99 -5.08 -7.07
C GLY B 215 3.25 -5.82 -8.17
N VAL B 216 3.88 -5.95 -9.33
CA VAL B 216 3.31 -6.71 -10.48
C VAL B 216 3.82 -8.17 -10.40
N VAL B 217 2.93 -9.08 -10.07
CA VAL B 217 3.29 -10.51 -9.88
C VAL B 217 3.65 -11.12 -11.24
N ILE B 218 4.76 -11.85 -11.26
CA ILE B 218 5.30 -12.55 -12.46
C ILE B 218 4.91 -14.04 -12.40
N CYS B 219 4.51 -14.61 -13.51
N CYS B 219 4.26 -14.51 -13.46
CA CYS B 219 4.48 -16.09 -13.54
CA CYS B 219 3.77 -15.91 -13.61
C CYS B 219 5.33 -16.51 -14.73
C CYS B 219 4.90 -16.87 -13.28
N ASN B 220 6.50 -17.06 -14.42
N ASN B 220 4.54 -17.96 -12.60
CA ASN B 220 7.48 -17.56 -15.42
CA ASN B 220 5.49 -19.04 -12.22
C ASN B 220 8.52 -18.41 -14.68
C ASN B 220 6.79 -18.38 -11.73
#